data_4PKV
#
_entry.id   4PKV
#
_cell.length_a   57.480
_cell.length_b   78.729
_cell.length_c   139.090
_cell.angle_alpha   90.000
_cell.angle_beta   90.000
_cell.angle_gamma   90.000
#
_symmetry.space_group_name_H-M   'P 21 21 21'
#
loop_
_entity.id
_entity.type
_entity.pdbx_description
1 polymer 'Lethal factor'
2 non-polymer N~2~-[4-(aminomethyl)benzyl]-N~2~-[(4-fluoro-3-methylphenyl)sulfonyl]-N-hydroxy-D-alaninamide
3 non-polymer 'ZINC ION'
4 water water
#
_entity_poly.entity_id   1
_entity_poly.type   'polypeptide(L)'
_entity_poly.pdbx_seq_one_letter_code
;SNALSRYEKWEKIKQHYQHWSDSLSEEGRGLLKKLQIPIEPKKDDIIHSLSQEEKELLKRIQIDSSDFLSTEEKEFLKKL
QIDIRDSLSEEEKELLNRIQVDSSNPLSEKEKEFLKKLKLDIQPYDINQRLQDTGGLIDSPSINLDVRKQYKRDIQNIDA
LLHQSIGSTLYNKIYLYENMNINNLTATLGADLVDSTDNTKINRGIFNEFKKNFKYSISSNYMIVDINERPALDNERLKW
RIQLSPDTRAGYLENGKLILQRNIGLEIKDVQIIKQSEKEYIRIDAKVVPKSKIDTKIQEAQLNINQEWNKALGLPKYTK
LITFNVHNRYASNIVESAYLILNEWKNNIQSDLIKKVTNYLVDGNGRFVFTDITLPNIAEQYTHQDEIYEQVHSKGLYVP
ESRSILLHGPSKGVELRNDSEGFIHEFGHAVDDYAGYLLDKNQSDLVTNSKKFIDIFKEEGSNLTSYGRTNEAEFFAEAF
RLMHSTDHAERLKVQKNAPKTFQFINDQIKFIINSLVPR
;
_entity_poly.pdbx_strand_id   A
#
loop_
_chem_comp.id
_chem_comp.type
_chem_comp.name
_chem_comp.formula
30R non-polymer N~2~-[4-(aminomethyl)benzyl]-N~2~-[(4-fluoro-3-methylphenyl)sulfonyl]-N-hydroxy-D-alaninamide 'C18 H22 F N3 O4 S'
ZN non-polymer 'ZINC ION' 'Zn 2'
#
# COMPACT_ATOMS: atom_id res chain seq x y z
N ALA A 3 29.12 15.25 -25.90
CA ALA A 3 28.03 15.65 -25.00
C ALA A 3 27.05 16.57 -25.74
N LEU A 4 25.74 16.28 -25.62
CA LEU A 4 24.72 16.86 -26.52
C LEU A 4 24.00 18.15 -26.03
N SER A 5 24.55 18.78 -24.98
CA SER A 5 24.06 20.05 -24.41
C SER A 5 22.68 19.99 -23.74
N ARG A 6 22.72 20.06 -22.42
CA ARG A 6 21.53 20.15 -21.58
C ARG A 6 20.68 21.40 -21.87
N TYR A 7 21.32 22.56 -22.11
CA TYR A 7 20.60 23.82 -22.18
C TYR A 7 19.94 24.01 -23.52
N GLU A 8 20.50 23.39 -24.55
CA GLU A 8 19.87 23.47 -25.85
C GLU A 8 18.70 22.49 -25.94
N LYS A 9 18.83 21.33 -25.29
CA LYS A 9 17.73 20.38 -25.21
C LYS A 9 16.52 21.06 -24.56
N TRP A 10 16.78 21.62 -23.39
CA TRP A 10 15.81 22.42 -22.63
C TRP A 10 15.11 23.47 -23.50
N GLU A 11 15.91 24.29 -24.17
CA GLU A 11 15.40 25.42 -24.96
C GLU A 11 14.45 24.96 -26.07
N LYS A 12 14.81 23.86 -26.70
CA LYS A 12 14.05 23.31 -27.80
C LYS A 12 12.71 22.70 -27.33
N ILE A 13 12.68 22.14 -26.13
CA ILE A 13 11.43 21.61 -25.59
C ILE A 13 10.57 22.79 -25.12
N LYS A 14 11.20 23.82 -24.56
CA LYS A 14 10.46 25.01 -24.15
C LYS A 14 9.80 25.69 -25.36
N GLN A 15 10.56 25.85 -26.45
CA GLN A 15 9.98 26.38 -27.70
C GLN A 15 8.83 25.53 -28.22
N HIS A 16 8.95 24.20 -28.15
CA HIS A 16 7.89 23.33 -28.64
C HIS A 16 6.56 23.61 -27.92
N TYR A 17 6.65 24.00 -26.64
CA TYR A 17 5.46 24.25 -25.83
C TYR A 17 5.15 25.75 -25.59
N GLN A 18 5.90 26.62 -26.26
CA GLN A 18 5.85 28.06 -25.97
C GLN A 18 4.44 28.66 -26.23
N HIS A 19 3.84 28.33 -27.36
CA HIS A 19 2.47 28.72 -27.64
C HIS A 19 1.51 28.23 -26.54
N TRP A 20 1.64 26.95 -26.19
CA TRP A 20 0.82 26.35 -25.14
C TRP A 20 0.94 27.08 -23.79
N SER A 21 2.18 27.33 -23.37
CA SER A 21 2.46 28.10 -22.14
C SER A 21 1.83 29.48 -22.13
N ASP A 22 2.05 30.23 -23.22
CA ASP A 22 1.52 31.59 -23.38
C ASP A 22 -0.01 31.63 -23.50
N SER A 23 -0.61 30.50 -23.85
CA SER A 23 -2.06 30.36 -23.94
C SER A 23 -2.76 30.02 -22.61
N LEU A 24 -2.00 29.59 -21.60
CA LEU A 24 -2.58 29.26 -20.32
C LEU A 24 -3.31 30.42 -19.68
N SER A 25 -4.57 30.23 -19.32
CA SER A 25 -5.22 31.23 -18.48
C SER A 25 -4.54 31.13 -17.13
N GLU A 26 -4.82 32.08 -16.26
CA GLU A 26 -4.14 32.07 -14.99
C GLU A 26 -4.92 31.22 -13.98
N GLU A 27 -6.12 30.80 -14.35
CA GLU A 27 -6.82 29.75 -13.64
C GLU A 27 -6.08 28.43 -13.96
N GLY A 28 -5.74 28.27 -15.25
CA GLY A 28 -4.94 27.15 -15.73
C GLY A 28 -3.63 27.06 -14.98
N ARG A 29 -2.94 28.19 -14.88
CA ARG A 29 -1.69 28.28 -14.13
C ARG A 29 -1.88 27.91 -12.64
N GLY A 30 -2.97 28.37 -12.02
CA GLY A 30 -3.20 28.09 -10.61
C GLY A 30 -3.34 26.59 -10.40
N LEU A 31 -4.10 25.98 -11.30
CA LEU A 31 -4.33 24.55 -11.30
C LEU A 31 -3.02 23.75 -11.32
N LEU A 32 -2.15 24.04 -12.30
CA LEU A 32 -0.84 23.39 -12.39
C LEU A 32 0.04 23.59 -11.15
N LYS A 33 -0.01 24.77 -10.54
CA LYS A 33 0.80 24.99 -9.34
C LYS A 33 0.24 24.19 -8.16
N LYS A 34 -1.09 24.06 -8.09
CA LYS A 34 -1.73 23.32 -7.02
C LYS A 34 -1.40 21.80 -7.12
N LEU A 35 -1.30 21.30 -8.34
CA LEU A 35 -0.86 19.93 -8.60
C LEU A 35 0.58 19.73 -8.10
N GLN A 36 1.43 20.70 -8.39
CA GLN A 36 2.83 20.64 -7.97
C GLN A 36 3.05 20.78 -6.45
N ILE A 37 2.23 21.61 -5.80
CA ILE A 37 2.37 21.96 -4.40
C ILE A 37 1.04 21.76 -3.66
N PRO A 38 0.87 20.57 -3.06
CA PRO A 38 -0.39 20.23 -2.40
C PRO A 38 -0.68 21.20 -1.24
N ILE A 39 -1.93 21.23 -0.81
CA ILE A 39 -2.36 22.16 0.22
C ILE A 39 -2.57 21.40 1.52
N GLU A 40 -1.79 21.75 2.52
CA GLU A 40 -1.74 21.00 3.76
C GLU A 40 -2.81 21.47 4.74
N PRO A 41 -3.15 20.62 5.71
CA PRO A 41 -4.10 21.04 6.75
C PRO A 41 -3.53 22.16 7.61
N LYS A 42 -4.40 22.98 8.17
CA LYS A 42 -3.99 24.06 9.05
C LYS A 42 -3.91 23.55 10.49
N LYS A 43 -2.68 23.28 10.98
CA LYS A 43 -2.49 22.70 12.32
C LYS A 43 -3.18 23.50 13.42
N ASP A 44 -3.10 24.82 13.32
CA ASP A 44 -3.67 25.71 14.31
C ASP A 44 -5.16 25.48 14.49
N ASP A 45 -5.89 25.49 13.38
CA ASP A 45 -7.33 25.34 13.39
C ASP A 45 -7.77 23.97 13.95
N ILE A 46 -7.02 22.93 13.61
CA ILE A 46 -7.29 21.59 14.09
C ILE A 46 -7.26 21.62 15.60
N ILE A 47 -6.15 22.15 16.13
CA ILE A 47 -5.89 22.19 17.56
C ILE A 47 -6.86 23.14 18.27
N HIS A 48 -7.18 24.25 17.61
CA HIS A 48 -8.15 25.17 18.16
C HIS A 48 -9.51 24.49 18.38
N SER A 49 -9.81 23.48 17.56
CA SER A 49 -11.14 22.84 17.58
C SER A 49 -11.23 21.67 18.57
N LEU A 50 -10.10 21.20 19.09
CA LEU A 50 -10.13 20.20 20.13
C LEU A 50 -10.63 20.77 21.44
N SER A 51 -11.31 19.91 22.20
CA SER A 51 -11.70 20.22 23.55
C SER A 51 -10.49 20.00 24.44
N GLN A 52 -10.50 20.57 25.64
CA GLN A 52 -9.33 20.46 26.51
C GLN A 52 -8.99 19.01 26.81
N GLU A 53 -10.02 18.16 26.92
CA GLU A 53 -9.81 16.74 27.18
C GLU A 53 -9.17 16.02 25.99
N GLU A 54 -9.47 16.49 24.78
CA GLU A 54 -8.90 15.92 23.56
C GLU A 54 -7.44 16.35 23.39
N LYS A 55 -7.13 17.60 23.75
CA LYS A 55 -5.75 18.07 23.76
C LYS A 55 -4.89 17.19 24.68
N GLU A 56 -5.39 16.95 25.90
CA GLU A 56 -4.64 16.20 26.91
C GLU A 56 -4.35 14.81 26.37
N LEU A 57 -5.32 14.26 25.64
CA LEU A 57 -5.20 12.93 25.08
C LEU A 57 -4.21 12.90 23.92
N LEU A 58 -4.35 13.83 22.97
CA LEU A 58 -3.45 13.94 21.84
C LEU A 58 -1.99 14.18 22.29
N LYS A 59 -1.83 14.97 23.35
CA LYS A 59 -0.51 15.20 23.95
C LYS A 59 0.20 13.92 24.42
N ARG A 60 -0.55 12.99 25.00
CA ARG A 60 0.07 11.87 25.68
C ARG A 60 0.06 10.59 24.83
N ILE A 61 -0.47 10.67 23.61
CA ILE A 61 -0.81 9.45 22.87
C ILE A 61 0.36 8.93 22.02
N GLN A 62 0.49 7.61 21.88
CA GLN A 62 1.56 7.12 21.00
C GLN A 62 0.98 6.66 19.69
N ILE A 63 1.35 7.38 18.64
CA ILE A 63 0.69 7.32 17.34
C ILE A 63 1.04 6.07 16.53
N ASP A 64 2.24 5.54 16.68
CA ASP A 64 2.62 4.36 15.87
C ASP A 64 2.00 3.09 16.43
N SER A 65 1.23 3.22 17.50
CA SER A 65 0.50 2.08 18.05
C SER A 65 -0.79 1.79 17.25
N SER A 66 -1.14 2.69 16.33
CA SER A 66 -2.34 2.56 15.47
C SER A 66 -2.19 1.44 14.48
N ASP A 67 -3.31 0.78 14.18
CA ASP A 67 -3.29 -0.27 13.19
C ASP A 67 -4.25 0.01 12.03
N PHE A 68 -4.47 1.29 11.71
CA PHE A 68 -5.43 1.63 10.66
C PHE A 68 -5.11 2.90 9.88
N LEU A 69 -4.27 3.76 10.44
CA LEU A 69 -3.85 4.99 9.79
C LEU A 69 -2.85 4.75 8.67
N SER A 70 -2.94 5.49 7.57
CA SER A 70 -1.93 5.42 6.54
C SER A 70 -0.61 5.99 7.05
N THR A 71 0.46 5.78 6.28
CA THR A 71 1.76 6.36 6.62
C THR A 71 1.71 7.88 6.56
N GLU A 72 1.00 8.42 5.57
CA GLU A 72 0.84 9.86 5.44
C GLU A 72 0.11 10.45 6.66
N GLU A 73 -0.97 9.80 7.07
CA GLU A 73 -1.75 10.28 8.21
C GLU A 73 -0.96 10.23 9.52
N LYS A 74 -0.22 9.13 9.71
CA LYS A 74 0.63 8.94 10.89
C LYS A 74 1.64 10.06 11.01
N GLU A 75 2.29 10.40 9.90
CA GLU A 75 3.31 11.45 9.89
C GLU A 75 2.76 12.82 10.27
N PHE A 76 1.62 13.19 9.68
CA PHE A 76 1.00 14.47 10.02
C PHE A 76 0.70 14.56 11.50
N LEU A 77 0.07 13.54 12.05
CA LEU A 77 -0.34 13.54 13.46
C LEU A 77 0.83 13.78 14.41
N LYS A 78 1.98 13.23 14.06
CA LYS A 78 3.16 13.44 14.88
C LYS A 78 3.60 14.91 14.86
N LYS A 79 3.51 15.57 13.72
CA LYS A 79 3.81 17.01 13.66
C LYS A 79 2.78 17.82 14.42
N LEU A 80 1.61 17.21 14.60
CA LEU A 80 0.51 17.83 15.32
C LEU A 80 0.69 17.65 16.83
N GLN A 81 1.18 16.48 17.25
CA GLN A 81 1.60 16.26 18.64
C GLN A 81 2.60 17.32 19.11
N ILE A 82 3.62 17.57 18.30
CA ILE A 82 4.62 18.61 18.57
C ILE A 82 4.04 20.02 18.87
N ASP A 83 3.19 20.55 17.99
CA ASP A 83 2.55 21.85 18.24
C ASP A 83 1.84 21.85 19.57
N ILE A 84 1.13 20.75 19.84
CA ILE A 84 0.43 20.63 21.09
C ILE A 84 1.43 20.76 22.22
N ARG A 85 2.57 20.08 22.08
CA ARG A 85 3.53 19.97 23.18
C ARG A 85 4.32 21.27 23.42
N ASP A 86 4.61 22.05 22.39
CA ASP A 86 5.39 23.27 22.59
C ASP A 86 4.56 24.32 23.33
N SER A 87 4.38 24.08 24.63
CA SER A 87 3.73 25.02 25.53
C SER A 87 4.02 24.55 26.93
N LEU A 88 5.03 23.68 27.03
CA LEU A 88 5.28 22.92 28.27
C LEU A 88 6.65 23.18 28.88
N SER A 89 6.83 22.69 30.11
CA SER A 89 8.14 22.53 30.73
C SER A 89 9.06 21.62 29.95
N GLU A 90 10.35 21.67 30.26
CA GLU A 90 11.30 20.79 29.62
C GLU A 90 11.24 19.36 30.20
N GLU A 91 10.70 19.24 31.42
CA GLU A 91 10.60 17.94 32.07
C GLU A 91 9.38 17.20 31.60
N GLU A 92 8.31 17.97 31.37
CA GLU A 92 7.09 17.44 30.78
C GLU A 92 7.41 16.80 29.45
N LYS A 93 7.98 17.61 28.56
CA LYS A 93 8.44 17.18 27.25
C LYS A 93 9.38 15.94 27.35
N GLU A 94 10.35 15.98 28.26
CA GLU A 94 11.29 14.87 28.42
C GLU A 94 10.63 13.65 29.06
N LEU A 95 9.70 13.87 29.99
CA LEU A 95 8.96 12.79 30.63
C LEU A 95 8.05 12.10 29.63
N LEU A 96 7.24 12.89 28.94
CA LEU A 96 6.30 12.38 27.93
C LEU A 96 7.06 11.60 26.85
N ASN A 97 8.31 11.97 26.60
CA ASN A 97 9.15 11.18 25.68
C ASN A 97 9.85 10.03 26.42
N ARG A 98 9.91 10.10 27.74
CA ARG A 98 10.52 9.02 28.53
C ARG A 98 9.67 7.75 28.53
N ILE A 99 8.35 7.91 28.57
CA ILE A 99 7.42 6.78 28.55
C ILE A 99 7.24 6.14 27.16
N GLN A 100 8.21 6.34 26.28
CA GLN A 100 8.10 5.94 24.88
C GLN A 100 8.93 4.69 24.51
N VAL A 101 9.91 4.36 25.34
CA VAL A 101 10.85 3.25 25.05
C VAL A 101 10.18 1.87 25.00
N ASP A 102 9.76 1.35 26.16
CA ASP A 102 9.00 0.10 26.24
C ASP A 102 7.50 0.34 26.02
N SER A 103 7.17 1.06 24.93
CA SER A 103 5.81 1.51 24.67
C SER A 103 5.27 0.97 23.34
N SER A 104 5.71 -0.23 22.97
CA SER A 104 5.00 -1.02 21.99
C SER A 104 3.84 -1.71 22.70
N ASN A 105 2.67 -1.11 22.65
CA ASN A 105 1.48 -1.64 23.31
C ASN A 105 0.24 -1.22 22.53
N PRO A 106 -0.90 -1.89 22.77
CA PRO A 106 -2.08 -1.45 22.01
C PRO A 106 -2.75 -0.22 22.63
N LEU A 107 -3.31 0.65 21.79
CA LEU A 107 -4.02 1.85 22.24
C LEU A 107 -5.25 1.53 23.08
N SER A 108 -5.55 2.40 24.04
CA SER A 108 -6.80 2.33 24.79
C SER A 108 -7.97 2.51 23.82
N GLU A 109 -9.17 2.11 24.23
CA GLU A 109 -10.31 2.22 23.35
C GLU A 109 -10.72 3.66 23.15
N LYS A 110 -10.57 4.51 24.17
CA LYS A 110 -10.98 5.89 24.00
C LYS A 110 -9.97 6.65 23.13
N GLU A 111 -8.74 6.13 23.08
CA GLU A 111 -7.67 6.68 22.24
C GLU A 111 -7.95 6.42 20.75
N LYS A 112 -8.23 5.16 20.45
CA LYS A 112 -8.47 4.68 19.09
C LYS A 112 -9.69 5.36 18.46
N GLU A 113 -10.80 5.36 19.20
CA GLU A 113 -12.04 5.99 18.76
C GLU A 113 -11.80 7.46 18.43
N PHE A 114 -11.02 8.13 19.26
CA PHE A 114 -10.64 9.50 18.99
C PHE A 114 -9.86 9.63 17.66
N LEU A 115 -8.75 8.91 17.51
CA LEU A 115 -7.97 8.96 16.27
C LEU A 115 -8.77 8.57 15.03
N LYS A 116 -9.65 7.58 15.14
CA LYS A 116 -10.46 7.17 13.99
C LYS A 116 -11.31 8.33 13.47
N LYS A 117 -11.81 9.18 14.37
CA LYS A 117 -12.62 10.33 13.94
C LYS A 117 -11.75 11.48 13.52
N LEU A 118 -10.58 11.64 14.15
CA LEU A 118 -9.66 12.74 13.83
C LEU A 118 -9.14 12.67 12.40
N LYS A 119 -9.05 11.46 11.85
CA LYS A 119 -8.43 11.31 10.54
C LYS A 119 -9.26 11.92 9.42
N LEU A 120 -10.58 12.06 9.63
CA LEU A 120 -11.39 12.81 8.69
C LEU A 120 -10.98 14.29 8.53
N ASP A 121 -10.21 14.83 9.49
CA ASP A 121 -9.91 16.26 9.52
C ASP A 121 -8.46 16.60 9.13
N ILE A 122 -7.66 15.60 8.77
CA ILE A 122 -6.24 15.87 8.51
C ILE A 122 -5.79 15.50 7.09
N GLN A 123 -6.75 15.37 6.18
CA GLN A 123 -6.47 15.13 4.78
C GLN A 123 -5.93 16.38 4.07
N PRO A 124 -4.77 16.27 3.42
CA PRO A 124 -4.34 17.36 2.54
C PRO A 124 -5.17 17.38 1.27
N TYR A 125 -5.21 18.49 0.55
CA TYR A 125 -5.79 18.47 -0.79
C TYR A 125 -4.62 18.34 -1.79
N ASP A 126 -4.53 17.16 -2.40
CA ASP A 126 -3.34 16.66 -3.11
C ASP A 126 -3.76 15.74 -4.27
N ILE A 127 -3.89 16.33 -5.45
CA ILE A 127 -4.40 15.68 -6.63
C ILE A 127 -3.62 14.42 -7.02
N ASN A 128 -2.31 14.55 -7.18
CA ASN A 128 -1.49 13.39 -7.53
C ASN A 128 -1.58 12.26 -6.50
N GLN A 129 -1.69 12.59 -5.21
CA GLN A 129 -1.79 11.57 -4.19
C GLN A 129 -3.15 10.88 -4.28
N ARG A 130 -4.20 11.64 -4.56
CA ARG A 130 -5.54 11.09 -4.65
C ARG A 130 -5.61 10.16 -5.86
N LEU A 131 -4.99 10.57 -6.97
CA LEU A 131 -4.92 9.72 -8.16
C LEU A 131 -4.18 8.38 -7.92
N GLN A 132 -3.02 8.46 -7.30
CA GLN A 132 -2.23 7.26 -7.01
C GLN A 132 -2.92 6.34 -5.98
N ASP A 133 -3.51 6.93 -4.95
CA ASP A 133 -4.19 6.12 -3.90
C ASP A 133 -5.39 5.29 -4.42
N THR A 134 -6.13 5.85 -5.37
CA THR A 134 -7.35 5.23 -5.87
C THR A 134 -7.08 4.55 -7.19
N GLY A 135 -5.85 4.70 -7.71
CA GLY A 135 -5.51 4.23 -9.05
C GLY A 135 -6.36 4.83 -10.18
N GLY A 136 -6.77 6.09 -10.05
CA GLY A 136 -7.57 6.73 -11.08
C GLY A 136 -9.07 6.64 -10.86
N LEU A 137 -9.52 5.72 -9.99
CA LEU A 137 -10.93 5.53 -9.65
C LEU A 137 -11.34 6.49 -8.54
N ILE A 138 -11.55 7.75 -8.92
CA ILE A 138 -11.69 8.83 -7.95
C ILE A 138 -13.10 8.93 -7.33
N ASP A 139 -14.03 8.11 -7.82
CA ASP A 139 -15.35 7.99 -7.17
C ASP A 139 -15.34 7.16 -5.89
N SER A 140 -14.21 6.52 -5.58
CA SER A 140 -14.12 5.70 -4.40
C SER A 140 -14.43 6.49 -3.12
N PRO A 141 -15.44 6.05 -2.37
CA PRO A 141 -16.00 6.75 -1.19
C PRO A 141 -15.09 6.70 0.03
N SER A 142 -13.87 7.22 -0.07
CA SER A 142 -12.90 7.08 1.00
C SER A 142 -12.53 8.45 1.57
N ILE A 143 -13.08 9.49 0.94
CA ILE A 143 -13.03 10.84 1.46
C ILE A 143 -14.38 11.49 1.28
N ASN A 144 -14.56 12.61 1.95
CA ASN A 144 -15.77 13.41 1.90
C ASN A 144 -16.30 13.69 0.45
N LEU A 145 -17.62 13.61 0.28
CA LEU A 145 -18.20 13.70 -1.06
C LEU A 145 -17.88 15.04 -1.76
N ASP A 146 -17.91 16.12 -1.00
CA ASP A 146 -17.69 17.45 -1.58
C ASP A 146 -16.26 17.63 -2.08
N VAL A 147 -15.30 17.15 -1.30
CA VAL A 147 -13.93 17.19 -1.71
C VAL A 147 -13.77 16.30 -2.94
N ARG A 148 -14.41 15.13 -2.89
CA ARG A 148 -14.31 14.16 -3.96
C ARG A 148 -14.71 14.81 -5.30
N LYS A 149 -15.77 15.64 -5.28
CA LYS A 149 -16.23 16.32 -6.50
C LYS A 149 -15.31 17.45 -6.96
N GLN A 150 -14.62 18.07 -6.02
CA GLN A 150 -13.64 19.10 -6.33
C GLN A 150 -12.41 18.46 -7.02
N TYR A 151 -12.02 17.29 -6.53
CA TYR A 151 -10.97 16.51 -7.17
C TYR A 151 -11.34 16.20 -8.60
N LYS A 152 -12.58 15.81 -8.82
CA LYS A 152 -13.01 15.43 -10.15
C LYS A 152 -12.95 16.59 -11.15
N ARG A 153 -13.42 17.77 -10.75
CA ARG A 153 -13.39 18.95 -11.61
C ARG A 153 -11.95 19.34 -11.98
N ASP A 154 -11.06 19.29 -10.99
CA ASP A 154 -9.67 19.68 -11.19
C ASP A 154 -8.94 18.71 -12.12
N ILE A 155 -9.19 17.42 -11.94
CA ILE A 155 -8.54 16.41 -12.76
C ILE A 155 -9.05 16.52 -14.18
N GLN A 156 -10.35 16.72 -14.34
CA GLN A 156 -10.92 16.94 -15.68
C GLN A 156 -10.32 18.16 -16.37
N ASN A 157 -10.08 19.24 -15.62
CA ASN A 157 -9.53 20.45 -16.19
C ASN A 157 -8.05 20.34 -16.53
N ILE A 158 -7.34 19.53 -15.75
CA ILE A 158 -5.94 19.30 -16.03
C ILE A 158 -5.84 18.43 -17.28
N ASP A 159 -6.62 17.34 -17.36
CA ASP A 159 -6.61 16.54 -18.58
C ASP A 159 -6.83 17.43 -19.83
N ALA A 160 -7.73 18.40 -19.73
CA ALA A 160 -8.03 19.28 -20.87
C ALA A 160 -6.91 20.31 -21.18
N LEU A 161 -6.17 20.74 -20.17
CA LEU A 161 -4.95 21.54 -20.35
C LEU A 161 -3.81 20.76 -21.06
N LEU A 162 -3.73 19.46 -20.82
CA LEU A 162 -2.64 18.67 -21.40
C LEU A 162 -3.02 18.08 -22.75
N HIS A 163 -3.16 18.92 -23.77
CA HIS A 163 -3.62 18.41 -25.05
C HIS A 163 -2.50 18.23 -26.07
N GLN A 164 -1.38 18.91 -25.90
CA GLN A 164 -0.35 18.86 -26.94
C GLN A 164 0.66 17.73 -26.74
N SER A 165 0.74 16.84 -27.73
CA SER A 165 1.69 15.77 -27.68
C SER A 165 3.10 16.28 -27.92
N ILE A 166 4.08 15.44 -27.58
CA ILE A 166 5.49 15.76 -27.76
C ILE A 166 5.87 15.75 -29.27
N GLY A 167 5.13 15.00 -30.08
CA GLY A 167 5.38 14.99 -31.52
C GLY A 167 6.36 13.97 -32.11
N SER A 168 6.31 13.87 -33.44
CA SER A 168 7.09 12.93 -34.25
C SER A 168 8.56 13.26 -34.36
N THR A 169 8.92 14.51 -34.11
CA THR A 169 10.30 14.93 -34.26
C THR A 169 11.09 14.75 -32.97
N LEU A 170 10.52 15.20 -31.85
CA LEU A 170 11.23 15.20 -30.56
C LEU A 170 11.34 13.84 -29.84
N TYR A 171 10.34 12.98 -29.96
CA TYR A 171 10.24 11.82 -29.05
C TYR A 171 11.39 10.81 -29.08
N ASN A 172 12.09 10.67 -30.20
CA ASN A 172 13.27 9.81 -30.19
C ASN A 172 14.59 10.57 -30.21
N LYS A 173 14.55 11.86 -29.87
CA LYS A 173 15.79 12.63 -29.70
C LYS A 173 16.05 12.93 -28.22
N ILE A 174 15.03 12.84 -27.38
CA ILE A 174 15.19 13.19 -25.99
C ILE A 174 14.90 12.06 -25.01
N TYR A 175 15.57 12.15 -23.87
CA TYR A 175 15.27 11.34 -22.72
C TYR A 175 14.71 12.23 -21.63
N LEU A 176 13.84 11.68 -20.79
CA LEU A 176 13.40 12.43 -19.65
C LEU A 176 13.80 11.64 -18.45
N TYR A 177 13.93 12.31 -17.32
CA TYR A 177 14.50 11.71 -16.14
C TYR A 177 13.59 11.89 -14.95
N GLU A 178 13.73 10.98 -13.99
CA GLU A 178 12.98 11.04 -12.74
C GLU A 178 13.76 10.37 -11.63
N ASN A 179 14.07 11.12 -10.57
CA ASN A 179 14.69 10.54 -9.38
C ASN A 179 13.60 10.01 -8.47
N MET A 180 13.86 8.87 -7.84
CA MET A 180 12.83 8.24 -7.03
C MET A 180 13.45 7.59 -5.77
N ASN A 181 12.70 7.68 -4.68
CA ASN A 181 12.99 6.91 -3.47
C ASN A 181 12.49 5.49 -3.69
N ILE A 182 13.32 4.48 -3.37
CA ILE A 182 12.95 3.06 -3.49
C ILE A 182 11.71 2.71 -2.68
N ASN A 183 11.52 3.40 -1.57
CA ASN A 183 10.39 3.10 -0.69
C ASN A 183 9.02 3.44 -1.27
N ASN A 184 8.99 4.23 -2.33
CA ASN A 184 7.74 4.57 -3.01
C ASN A 184 7.27 3.47 -3.95
N LEU A 185 8.13 2.52 -4.27
CA LEU A 185 7.72 1.34 -5.03
C LEU A 185 7.51 0.15 -4.11
N THR A 186 8.43 -0.08 -3.18
CA THR A 186 8.38 -1.23 -2.26
C THR A 186 9.05 -0.91 -0.93
N ALA A 187 8.24 -0.66 0.09
CA ALA A 187 8.77 -0.39 1.41
C ALA A 187 9.52 -1.62 1.95
N THR A 188 9.18 -2.81 1.45
CA THR A 188 9.86 -4.06 1.84
C THR A 188 11.28 -4.16 1.29
N LEU A 189 11.41 -4.17 -0.04
CA LEU A 189 12.72 -4.20 -0.70
C LEU A 189 13.51 -2.91 -0.47
N GLY A 190 12.81 -1.83 -0.16
CA GLY A 190 13.46 -0.55 0.03
C GLY A 190 14.48 -0.55 1.15
N ALA A 191 14.05 -0.96 2.34
CA ALA A 191 14.90 -0.96 3.53
C ALA A 191 16.16 -1.84 3.39
N ASP A 192 16.10 -2.85 2.50
CA ASP A 192 17.18 -3.83 2.37
C ASP A 192 17.83 -3.91 0.99
N LEU A 193 17.69 -2.87 0.16
CA LEU A 193 18.35 -2.89 -1.15
C LEU A 193 19.63 -2.06 -1.12
N VAL A 194 19.70 -1.14 -0.19
CA VAL A 194 20.98 -0.52 0.11
C VAL A 194 21.67 -1.45 1.08
N ASP A 195 22.87 -1.90 0.69
CA ASP A 195 23.68 -2.76 1.55
C ASP A 195 23.99 -2.12 2.91
N SER A 196 24.05 -2.96 3.94
CA SER A 196 24.27 -2.51 5.32
C SER A 196 25.74 -2.25 5.63
N THR A 197 26.62 -3.10 5.11
CA THR A 197 28.08 -2.93 5.27
C THR A 197 28.52 -1.55 4.81
N ASP A 198 27.97 -1.16 3.66
CA ASP A 198 28.38 0.04 2.92
C ASP A 198 27.16 0.61 2.22
N ASN A 199 26.82 1.86 2.53
CA ASN A 199 25.62 2.45 1.96
C ASN A 199 25.76 2.92 0.53
N THR A 200 26.99 3.11 0.05
CA THR A 200 27.22 3.52 -1.32
C THR A 200 27.15 2.33 -2.29
N LYS A 201 26.76 1.18 -1.77
CA LYS A 201 26.70 -0.06 -2.55
C LYS A 201 25.28 -0.59 -2.63
N ILE A 202 24.95 -1.25 -3.73
CA ILE A 202 23.67 -1.92 -3.87
C ILE A 202 23.78 -3.43 -3.63
N ASN A 203 23.03 -3.88 -2.65
CA ASN A 203 22.83 -5.29 -2.36
C ASN A 203 22.46 -6.15 -3.58
N ARG A 204 23.45 -6.77 -4.22
CA ARG A 204 23.26 -7.48 -5.51
C ARG A 204 22.17 -8.56 -5.53
N GLY A 205 21.86 -9.13 -4.37
CA GLY A 205 20.89 -10.21 -4.28
C GLY A 205 19.49 -9.68 -4.38
N ILE A 206 19.18 -8.73 -3.50
CA ILE A 206 17.95 -7.98 -3.62
C ILE A 206 17.81 -7.38 -5.03
N PHE A 207 18.88 -6.80 -5.57
CA PHE A 207 18.83 -6.20 -6.90
C PHE A 207 18.36 -7.16 -8.00
N ASN A 208 18.91 -8.37 -8.01
CA ASN A 208 18.50 -9.39 -8.98
C ASN A 208 17.01 -9.73 -8.77
N GLU A 209 16.56 -9.66 -7.51
CA GLU A 209 15.17 -9.93 -7.16
C GLU A 209 14.23 -8.85 -7.70
N PHE A 210 14.66 -7.61 -7.53
CA PHE A 210 13.93 -6.45 -7.99
C PHE A 210 13.87 -6.46 -9.51
N LYS A 211 15.02 -6.65 -10.15
CA LYS A 211 15.10 -6.71 -11.60
C LYS A 211 14.30 -7.88 -12.15
N LYS A 212 14.12 -8.90 -11.30
CA LYS A 212 13.60 -10.20 -11.77
C LYS A 212 12.24 -10.07 -12.50
N ASN A 213 11.13 -9.60 -11.91
CA ASN A 213 10.05 -9.34 -12.85
C ASN A 213 9.58 -7.89 -12.72
N PHE A 214 10.53 -6.97 -12.90
CA PHE A 214 10.13 -5.62 -13.15
C PHE A 214 10.09 -5.46 -14.65
N LYS A 215 8.95 -5.75 -15.25
CA LYS A 215 8.82 -5.68 -16.69
C LYS A 215 7.88 -4.57 -17.18
N TYR A 216 6.87 -4.20 -16.41
CA TYR A 216 6.05 -3.06 -16.78
C TYR A 216 5.58 -2.20 -15.57
N SER A 217 5.07 -1.02 -15.89
CA SER A 217 4.79 0.01 -14.91
C SER A 217 3.64 0.91 -15.39
N ILE A 218 2.76 1.32 -14.48
CA ILE A 218 1.63 2.14 -14.84
C ILE A 218 1.66 3.40 -14.04
N SER A 219 1.43 4.52 -14.71
CA SER A 219 1.27 5.78 -14.01
C SER A 219 -0.18 6.26 -14.08
N SER A 220 -0.84 6.28 -12.92
CA SER A 220 -2.22 6.73 -12.81
C SER A 220 -2.33 8.20 -12.43
N ASN A 221 -1.21 8.82 -12.04
CA ASN A 221 -1.25 10.25 -11.83
C ASN A 221 -0.39 10.94 -12.86
N TYR A 222 -0.10 12.21 -12.64
CA TYR A 222 0.65 13.02 -13.60
C TYR A 222 2.13 13.04 -13.21
N MET A 223 2.96 12.30 -13.92
CA MET A 223 4.39 12.28 -13.64
C MET A 223 5.04 13.63 -13.94
N ILE A 224 5.76 14.19 -12.97
CA ILE A 224 6.63 15.34 -13.21
C ILE A 224 8.03 14.82 -13.49
N VAL A 225 8.57 15.10 -14.68
CA VAL A 225 9.87 14.59 -15.08
C VAL A 225 10.81 15.76 -15.37
N ASP A 226 12.11 15.50 -15.26
CA ASP A 226 13.15 16.48 -15.57
C ASP A 226 13.61 16.33 -17.02
N ILE A 227 13.76 17.45 -17.71
CA ILE A 227 14.38 17.42 -19.03
C ILE A 227 15.85 16.95 -18.96
N ASN A 228 16.55 17.40 -17.93
CA ASN A 228 17.94 17.02 -17.70
C ASN A 228 18.07 16.31 -16.37
N GLU A 229 18.98 15.37 -16.29
CA GLU A 229 19.13 14.58 -15.09
C GLU A 229 19.66 15.44 -13.96
N ARG A 230 19.05 15.28 -12.79
CA ARG A 230 19.40 16.02 -11.60
C ARG A 230 20.14 15.07 -10.69
N PRO A 231 21.24 15.51 -10.07
CA PRO A 231 21.93 14.62 -9.14
C PRO A 231 21.02 14.16 -7.99
N ALA A 232 21.16 12.90 -7.60
CA ALA A 232 20.30 12.31 -6.58
C ALA A 232 20.41 12.98 -5.21
N LEU A 233 19.30 13.06 -4.49
CA LEU A 233 19.34 13.42 -3.09
C LEU A 233 19.69 12.20 -2.23
N ASP A 234 19.54 12.37 -0.92
CA ASP A 234 19.88 11.37 0.09
C ASP A 234 19.25 10.03 -0.21
N ASN A 235 17.94 10.05 -0.20
CA ASN A 235 17.07 8.89 -0.27
C ASN A 235 16.71 8.46 -1.69
N GLU A 236 17.33 9.09 -2.69
CA GLU A 236 16.99 8.82 -4.07
C GLU A 236 17.97 7.86 -4.72
N ARG A 237 17.68 6.57 -4.67
CA ARG A 237 18.59 5.59 -5.28
C ARG A 237 18.08 5.04 -6.61
N LEU A 238 16.89 5.45 -7.03
CA LEU A 238 16.32 5.08 -8.33
C LEU A 238 16.37 6.23 -9.36
N LYS A 239 17.02 5.98 -10.50
CA LYS A 239 17.12 6.99 -11.54
C LYS A 239 16.52 6.51 -12.88
N TRP A 240 15.26 6.87 -13.09
CA TRP A 240 14.55 6.56 -14.32
C TRP A 240 15.02 7.45 -15.49
N ARG A 241 15.21 6.80 -16.64
CA ARG A 241 15.43 7.44 -17.93
C ARG A 241 14.31 6.96 -18.88
N ILE A 242 13.42 7.90 -19.25
CA ILE A 242 12.18 7.56 -19.94
C ILE A 242 12.19 8.07 -21.38
N GLN A 243 11.75 7.21 -22.29
CA GLN A 243 11.52 7.64 -23.64
C GLN A 243 10.02 7.66 -23.94
N LEU A 244 9.52 8.83 -24.31
CA LEU A 244 8.11 9.00 -24.64
C LEU A 244 7.78 8.44 -26.00
N SER A 245 6.49 8.34 -26.26
CA SER A 245 5.99 7.99 -27.57
C SER A 245 5.52 9.25 -28.29
N PRO A 246 5.45 9.21 -29.64
CA PRO A 246 5.10 10.40 -30.43
C PRO A 246 3.82 11.14 -29.96
N ASP A 247 2.77 10.41 -29.59
CA ASP A 247 1.53 11.07 -29.20
C ASP A 247 1.33 11.21 -27.68
N THR A 248 2.40 11.01 -26.89
CA THR A 248 2.34 11.24 -25.45
C THR A 248 2.09 12.73 -25.22
N ARG A 249 0.98 13.03 -24.56
CA ARG A 249 0.64 14.42 -24.26
C ARG A 249 1.35 14.90 -22.97
N ALA A 250 1.79 16.15 -22.97
CA ALA A 250 2.67 16.73 -21.93
C ALA A 250 2.59 18.24 -21.87
N GLY A 251 3.08 18.79 -20.76
CA GLY A 251 3.15 20.24 -20.60
C GLY A 251 4.46 20.70 -20.02
N TYR A 252 4.92 21.87 -20.46
CA TYR A 252 6.14 22.45 -19.92
C TYR A 252 5.92 23.12 -18.56
N LEU A 253 6.79 22.79 -17.59
CA LEU A 253 6.83 23.48 -16.28
C LEU A 253 8.16 24.19 -16.12
N GLU A 254 8.16 25.28 -15.36
CA GLU A 254 9.36 26.10 -15.19
C GLU A 254 10.51 25.33 -14.58
N ASN A 255 11.72 25.77 -14.89
CA ASN A 255 12.95 25.16 -14.41
C ASN A 255 13.16 23.77 -15.05
N GLY A 256 12.77 23.69 -16.32
CA GLY A 256 13.08 22.54 -17.14
C GLY A 256 12.38 21.23 -16.81
N LYS A 257 11.06 21.29 -16.65
CA LYS A 257 10.28 20.11 -16.34
C LYS A 257 9.13 19.89 -17.31
N LEU A 258 8.63 18.67 -17.32
CA LEU A 258 7.46 18.31 -18.07
C LEU A 258 6.51 17.62 -17.14
N ILE A 259 5.22 17.95 -17.27
CA ILE A 259 4.17 17.20 -16.64
C ILE A 259 3.58 16.33 -17.73
N LEU A 260 3.55 15.00 -17.51
CA LEU A 260 2.93 14.09 -18.47
C LEU A 260 1.48 13.79 -18.12
N GLN A 261 0.67 13.56 -19.16
CA GLN A 261 -0.69 13.03 -19.00
C GLN A 261 -0.75 11.81 -18.05
N ARG A 262 -1.88 11.67 -17.36
CA ARG A 262 -2.12 10.54 -16.49
C ARG A 262 -2.44 9.33 -17.36
N ASN A 263 -2.47 8.15 -16.74
CA ASN A 263 -2.88 6.90 -17.43
C ASN A 263 -2.00 6.52 -18.60
N ILE A 264 -0.69 6.45 -18.37
CA ILE A 264 0.18 5.88 -19.38
C ILE A 264 0.81 4.59 -18.88
N GLY A 265 1.29 3.78 -19.81
CA GLY A 265 2.04 2.59 -19.49
C GLY A 265 3.52 2.73 -19.80
N LEU A 266 4.34 2.03 -19.02
CA LEU A 266 5.79 2.01 -19.22
C LEU A 266 6.32 0.59 -19.32
N GLU A 267 6.98 0.28 -20.44
CA GLU A 267 7.66 -1.01 -20.57
C GLU A 267 9.09 -0.85 -20.10
N ILE A 268 9.49 -1.72 -19.18
CA ILE A 268 10.85 -1.69 -18.69
C ILE A 268 11.76 -2.33 -19.74
N LYS A 269 12.71 -1.55 -20.25
CA LYS A 269 13.62 -2.01 -21.29
C LYS A 269 14.95 -2.50 -20.69
N ASP A 270 15.37 -1.94 -19.55
CA ASP A 270 16.64 -2.29 -18.96
C ASP A 270 16.76 -1.79 -17.52
N VAL A 271 17.46 -2.56 -16.67
CA VAL A 271 17.67 -2.19 -15.27
C VAL A 271 19.09 -2.53 -14.88
N GLN A 272 19.86 -1.52 -14.52
CA GLN A 272 21.28 -1.70 -14.30
C GLN A 272 21.72 -1.01 -13.02
N ILE A 273 22.80 -1.49 -12.42
CA ILE A 273 23.49 -0.73 -11.39
C ILE A 273 24.55 0.14 -12.06
N ILE A 274 24.57 1.43 -11.70
CA ILE A 274 25.50 2.36 -12.31
C ILE A 274 26.12 3.22 -11.22
N LYS A 275 27.20 3.94 -11.58
CA LYS A 275 27.93 4.73 -10.59
C LYS A 275 27.89 6.21 -10.91
N GLN A 276 27.65 7.00 -9.87
CA GLN A 276 27.60 8.45 -10.01
C GLN A 276 28.24 9.06 -8.76
N SER A 277 29.51 9.45 -8.90
CA SER A 277 30.29 10.01 -7.81
C SER A 277 30.37 9.06 -6.60
N GLU A 278 30.89 7.87 -6.85
CA GLU A 278 31.17 6.87 -5.81
C GLU A 278 29.98 6.51 -4.92
N LYS A 279 28.78 6.63 -5.47
CA LYS A 279 27.62 5.94 -4.90
C LYS A 279 27.03 5.08 -6.02
N GLU A 280 26.38 3.99 -5.65
CA GLU A 280 25.74 3.17 -6.66
C GLU A 280 24.27 3.55 -6.75
N TYR A 281 23.76 3.57 -7.97
CA TYR A 281 22.35 3.83 -8.18
C TYR A 281 21.77 2.75 -9.08
N ILE A 282 20.45 2.69 -9.13
CA ILE A 282 19.81 1.83 -10.10
C ILE A 282 19.26 2.70 -11.25
N ARG A 283 19.77 2.48 -12.46
CA ARG A 283 19.18 3.01 -13.67
C ARG A 283 17.98 2.21 -14.10
N ILE A 284 16.88 2.87 -14.43
CA ILE A 284 15.75 2.15 -15.01
C ILE A 284 15.38 2.79 -16.34
N ASP A 285 15.52 2.02 -17.41
CA ASP A 285 15.16 2.50 -18.72
C ASP A 285 13.77 2.05 -19.07
N ALA A 286 12.97 3.01 -19.50
CA ALA A 286 11.57 2.77 -19.71
C ALA A 286 11.07 3.48 -20.95
N LYS A 287 10.04 2.89 -21.54
CA LYS A 287 9.48 3.35 -22.78
C LYS A 287 7.97 3.44 -22.61
N VAL A 288 7.44 4.62 -22.85
CA VAL A 288 6.00 4.87 -22.82
C VAL A 288 5.30 4.05 -23.89
N VAL A 289 4.29 3.28 -23.47
CA VAL A 289 3.44 2.47 -24.34
C VAL A 289 1.99 2.77 -23.97
N PRO A 290 1.01 2.30 -24.76
CA PRO A 290 -0.35 2.66 -24.36
C PRO A 290 -0.80 1.84 -23.15
N LYS A 291 -1.52 2.49 -22.24
CA LYS A 291 -1.90 1.88 -21.00
C LYS A 291 -2.62 0.55 -21.27
N SER A 292 -3.47 0.53 -22.28
CA SER A 292 -4.33 -0.60 -22.54
C SER A 292 -3.49 -1.85 -22.82
N LYS A 293 -2.34 -1.66 -23.44
CA LYS A 293 -1.43 -2.76 -23.72
C LYS A 293 -1.08 -3.50 -22.44
N ILE A 294 -0.76 -2.74 -21.41
CA ILE A 294 -0.28 -3.29 -20.15
C ILE A 294 -1.43 -3.88 -19.37
N ASP A 295 -2.61 -3.27 -19.47
CA ASP A 295 -3.82 -3.81 -18.85
C ASP A 295 -4.13 -5.19 -19.44
N THR A 296 -3.91 -5.32 -20.74
CA THR A 296 -4.12 -6.57 -21.42
C THR A 296 -3.21 -7.65 -20.82
N LYS A 297 -1.95 -7.28 -20.56
CA LYS A 297 -1.03 -8.21 -19.93
C LYS A 297 -1.46 -8.57 -18.51
N ILE A 298 -2.11 -7.65 -17.83
CA ILE A 298 -2.50 -7.89 -16.44
C ILE A 298 -3.68 -8.86 -16.39
N GLN A 299 -4.65 -8.61 -17.26
CA GLN A 299 -5.82 -9.47 -17.37
C GLN A 299 -5.48 -10.91 -17.78
N GLU A 300 -4.54 -11.07 -18.70
CA GLU A 300 -4.13 -12.40 -19.10
C GLU A 300 -3.46 -13.12 -17.94
N ALA A 301 -2.69 -12.39 -17.14
CA ALA A 301 -2.04 -12.97 -15.97
C ALA A 301 -3.08 -13.39 -14.93
N GLN A 302 -4.14 -12.61 -14.82
CA GLN A 302 -5.19 -12.90 -13.85
C GLN A 302 -5.96 -14.17 -14.27
N LEU A 303 -6.28 -14.26 -15.56
CA LEU A 303 -6.90 -15.45 -16.14
C LEU A 303 -6.04 -16.71 -15.93
N ASN A 304 -4.74 -16.57 -16.18
CA ASN A 304 -3.80 -17.68 -16.04
C ASN A 304 -3.56 -18.16 -14.61
N ILE A 305 -3.53 -17.24 -13.64
CA ILE A 305 -3.28 -17.64 -12.26
C ILE A 305 -4.53 -18.27 -11.65
N ASN A 306 -5.70 -17.88 -12.16
CA ASN A 306 -6.94 -18.48 -11.74
C ASN A 306 -7.10 -19.89 -12.33
N GLN A 307 -6.76 -20.08 -13.61
CA GLN A 307 -6.85 -21.42 -14.19
C GLN A 307 -5.88 -22.36 -13.49
N GLU A 308 -4.69 -21.86 -13.19
CA GLU A 308 -3.75 -22.69 -12.47
C GLU A 308 -4.28 -23.09 -11.08
N TRP A 309 -4.87 -22.14 -10.37
CA TRP A 309 -5.30 -22.39 -8.99
C TRP A 309 -6.71 -23.00 -8.86
N ASN A 310 -7.56 -22.78 -9.86
CA ASN A 310 -8.83 -23.48 -9.93
C ASN A 310 -8.61 -24.99 -9.98
N LYS A 311 -7.67 -25.40 -10.82
CA LYS A 311 -7.30 -26.80 -10.95
C LYS A 311 -6.78 -27.35 -9.62
N ALA A 312 -5.70 -26.76 -9.12
CA ALA A 312 -5.06 -27.23 -7.89
C ALA A 312 -5.95 -27.22 -6.65
N LEU A 313 -7.16 -26.66 -6.75
CA LEU A 313 -8.02 -26.52 -5.57
C LEU A 313 -9.34 -27.28 -5.73
N GLY A 314 -9.53 -27.91 -6.87
CA GLY A 314 -10.77 -28.64 -7.11
C GLY A 314 -11.94 -27.69 -7.20
N LEU A 315 -11.75 -26.60 -7.93
CA LEU A 315 -12.80 -25.58 -8.12
C LEU A 315 -13.28 -25.58 -9.53
N PRO A 316 -14.54 -25.17 -9.74
CA PRO A 316 -15.06 -24.93 -11.09
C PRO A 316 -14.06 -24.13 -11.93
N LYS A 317 -14.02 -24.41 -13.23
CA LYS A 317 -12.95 -23.90 -14.09
C LYS A 317 -12.89 -22.38 -14.14
N TYR A 318 -14.05 -21.75 -13.97
CA TYR A 318 -14.17 -20.31 -14.22
C TYR A 318 -14.46 -19.49 -12.98
N THR A 319 -14.14 -20.05 -11.82
CA THR A 319 -14.26 -19.34 -10.57
C THR A 319 -13.34 -18.13 -10.61
N LYS A 320 -13.92 -16.95 -10.43
CA LYS A 320 -13.15 -15.71 -10.26
C LYS A 320 -12.72 -15.59 -8.80
N LEU A 321 -11.48 -15.98 -8.50
CA LEU A 321 -11.03 -16.06 -7.12
C LEU A 321 -9.93 -15.06 -6.79
N ILE A 322 -8.95 -14.96 -7.69
CA ILE A 322 -7.83 -14.05 -7.51
C ILE A 322 -8.02 -12.80 -8.36
N THR A 323 -7.94 -11.63 -7.73
CA THR A 323 -8.07 -10.38 -8.46
C THR A 323 -6.79 -9.55 -8.42
N PHE A 324 -6.36 -9.06 -9.59
CA PHE A 324 -5.27 -8.10 -9.67
C PHE A 324 -5.89 -6.73 -9.80
N ASN A 325 -5.77 -5.94 -8.75
CA ASN A 325 -6.21 -4.55 -8.81
C ASN A 325 -5.00 -3.67 -8.87
N VAL A 326 -4.50 -3.43 -10.08
CA VAL A 326 -3.15 -2.89 -10.27
C VAL A 326 -3.13 -1.67 -11.20
N HIS A 327 -2.58 -0.56 -10.68
CA HIS A 327 -2.61 0.74 -11.35
C HIS A 327 -1.36 1.59 -11.19
N ASN A 328 -0.32 1.09 -10.52
CA ASN A 328 0.78 1.97 -10.12
C ASN A 328 2.17 1.54 -10.60
N ARG A 329 3.21 2.25 -10.16
CA ARG A 329 4.48 2.22 -10.87
C ARG A 329 5.25 0.89 -10.73
N TYR A 330 4.80 0.01 -9.84
CA TYR A 330 5.50 -1.26 -9.64
C TYR A 330 4.59 -2.43 -10.04
N ALA A 331 3.64 -2.14 -10.94
CA ALA A 331 2.62 -3.08 -11.46
C ALA A 331 3.05 -4.56 -11.61
N SER A 332 4.09 -4.81 -12.39
CA SER A 332 4.40 -6.18 -12.76
C SER A 332 4.90 -6.99 -11.56
N ASN A 333 5.50 -6.33 -10.60
CA ASN A 333 5.91 -7.03 -9.40
C ASN A 333 4.71 -7.45 -8.55
N ILE A 334 3.70 -6.60 -8.44
CA ILE A 334 2.50 -7.00 -7.72
C ILE A 334 1.98 -8.31 -8.29
N VAL A 335 1.88 -8.38 -9.62
CA VAL A 335 1.35 -9.53 -10.33
C VAL A 335 2.16 -10.80 -10.10
N GLU A 336 3.49 -10.66 -10.08
CA GLU A 336 4.38 -11.81 -9.97
C GLU A 336 4.54 -12.26 -8.52
N SER A 337 4.51 -11.28 -7.63
CA SER A 337 4.58 -11.52 -6.21
C SER A 337 3.38 -12.35 -5.72
N ALA A 338 2.24 -12.26 -6.39
CA ALA A 338 1.08 -13.06 -6.01
C ALA A 338 1.27 -14.55 -6.27
N TYR A 339 2.01 -14.88 -7.34
CA TYR A 339 2.29 -16.29 -7.61
C TYR A 339 3.11 -16.87 -6.46
N LEU A 340 4.13 -16.13 -6.02
CA LEU A 340 5.04 -16.61 -4.99
C LEU A 340 4.37 -16.67 -3.61
N ILE A 341 3.43 -15.76 -3.36
CA ILE A 341 2.76 -15.71 -2.07
C ILE A 341 1.86 -16.91 -1.91
N LEU A 342 1.14 -17.22 -2.98
CA LEU A 342 0.22 -18.31 -2.98
C LEU A 342 0.99 -19.65 -2.93
N ASN A 343 2.20 -19.67 -3.48
CA ASN A 343 3.06 -20.85 -3.38
C ASN A 343 3.47 -21.12 -1.94
N GLU A 344 3.98 -20.11 -1.23
CA GLU A 344 4.37 -20.29 0.18
C GLU A 344 3.17 -20.72 1.06
N TRP A 345 1.99 -20.20 0.72
CA TRP A 345 0.73 -20.60 1.33
C TRP A 345 0.41 -22.11 1.19
N LYS A 346 0.58 -22.67 -0.01
CA LYS A 346 0.30 -24.09 -0.20
C LYS A 346 1.41 -24.94 0.40
N ASN A 347 2.61 -24.40 0.44
CA ASN A 347 3.71 -25.12 1.04
C ASN A 347 3.61 -25.21 2.54
N ASN A 348 2.89 -24.28 3.19
CA ASN A 348 2.92 -24.25 4.65
C ASN A 348 1.62 -24.58 5.38
N ILE A 349 0.59 -24.94 4.63
CA ILE A 349 -0.72 -25.24 5.21
C ILE A 349 -1.28 -26.50 4.56
N GLN A 350 -1.84 -27.38 5.40
CA GLN A 350 -2.39 -28.66 4.98
C GLN A 350 -3.34 -28.51 3.80
N SER A 351 -3.21 -29.39 2.81
CA SER A 351 -4.03 -29.26 1.61
C SER A 351 -5.55 -29.30 1.89
N ASP A 352 -5.94 -30.01 2.95
CA ASP A 352 -7.37 -30.15 3.24
C ASP A 352 -7.94 -28.87 3.86
N LEU A 353 -7.17 -28.23 4.73
CA LEU A 353 -7.57 -26.98 5.37
C LEU A 353 -7.75 -25.87 4.34
N ILE A 354 -6.72 -25.65 3.54
CA ILE A 354 -6.77 -24.70 2.43
C ILE A 354 -7.98 -24.95 1.55
N LYS A 355 -8.24 -26.20 1.18
CA LYS A 355 -9.33 -26.47 0.25
C LYS A 355 -10.71 -26.17 0.85
N LYS A 356 -10.95 -26.62 2.08
CA LYS A 356 -12.28 -26.51 2.67
C LYS A 356 -12.64 -25.05 3.00
N VAL A 357 -11.67 -24.27 3.46
CA VAL A 357 -11.87 -22.85 3.75
C VAL A 357 -12.07 -21.99 2.47
N THR A 358 -11.31 -22.29 1.42
CA THR A 358 -11.40 -21.49 0.22
C THR A 358 -12.74 -21.77 -0.48
N ASN A 359 -13.24 -22.98 -0.34
CA ASN A 359 -14.57 -23.29 -0.85
C ASN A 359 -15.63 -22.45 -0.18
N TYR A 360 -15.46 -22.26 1.12
CA TYR A 360 -16.34 -21.42 1.92
C TYR A 360 -16.31 -19.96 1.43
N LEU A 361 -15.12 -19.42 1.18
CA LEU A 361 -15.00 -18.06 0.65
C LEU A 361 -15.68 -17.94 -0.69
N VAL A 362 -15.43 -18.91 -1.56
CA VAL A 362 -16.06 -18.88 -2.89
C VAL A 362 -17.60 -18.92 -2.80
N ASP A 363 -18.13 -19.63 -1.80
CA ASP A 363 -19.58 -19.71 -1.54
C ASP A 363 -20.20 -18.38 -1.13
N GLY A 364 -19.36 -17.43 -0.74
CA GLY A 364 -19.83 -16.12 -0.36
C GLY A 364 -19.33 -15.08 -1.35
N ASN A 365 -18.92 -15.54 -2.54
CA ASN A 365 -18.43 -14.71 -3.65
C ASN A 365 -17.11 -14.01 -3.32
N GLY A 366 -16.28 -14.65 -2.49
CA GLY A 366 -15.05 -14.06 -2.00
C GLY A 366 -13.93 -13.85 -3.00
N ARG A 367 -12.90 -13.10 -2.60
CA ARG A 367 -11.78 -12.83 -3.49
C ARG A 367 -10.45 -12.79 -2.75
N PHE A 368 -9.37 -13.23 -3.40
CA PHE A 368 -8.02 -12.85 -2.96
C PHE A 368 -7.59 -11.67 -3.84
N VAL A 369 -7.54 -10.48 -3.25
CA VAL A 369 -7.24 -9.26 -3.99
C VAL A 369 -5.81 -8.81 -3.77
N PHE A 370 -5.06 -8.76 -4.86
CA PHE A 370 -3.70 -8.27 -4.81
C PHE A 370 -3.64 -6.91 -5.47
N THR A 371 -3.24 -5.92 -4.71
CA THR A 371 -3.38 -4.55 -5.17
C THR A 371 -2.23 -3.63 -4.81
N ASP A 372 -2.09 -2.57 -5.59
CA ASP A 372 -1.18 -1.50 -5.26
C ASP A 372 -1.94 -0.17 -5.07
N ILE A 373 -3.25 -0.24 -4.85
CA ILE A 373 -3.96 0.96 -4.40
C ILE A 373 -4.33 0.77 -2.92
N THR A 374 -4.73 1.81 -2.21
CA THR A 374 -4.93 1.68 -0.76
C THR A 374 -6.24 0.96 -0.43
N LEU A 375 -6.24 0.14 0.63
CA LEU A 375 -7.37 -0.74 0.95
C LEU A 375 -8.73 -0.01 1.10
N PRO A 376 -8.74 1.22 1.66
CA PRO A 376 -10.05 1.90 1.66
C PRO A 376 -10.63 2.07 0.25
N ASN A 377 -9.79 2.01 -0.77
CA ASN A 377 -10.31 2.20 -2.10
C ASN A 377 -10.61 0.89 -2.82
N ILE A 378 -10.57 -0.21 -2.08
CA ILE A 378 -10.96 -1.49 -2.67
C ILE A 378 -12.45 -1.75 -2.37
N ALA A 379 -13.25 -2.06 -3.38
CA ALA A 379 -14.68 -2.21 -3.11
C ALA A 379 -14.96 -3.34 -2.10
N GLU A 380 -14.14 -4.40 -2.08
CA GLU A 380 -14.36 -5.47 -1.08
C GLU A 380 -14.30 -4.92 0.36
N GLN A 381 -13.58 -3.82 0.60
CA GLN A 381 -13.78 -3.12 1.89
C GLN A 381 -14.90 -2.06 1.86
N TYR A 382 -14.93 -1.14 0.89
CA TYR A 382 -15.78 0.05 1.12
C TYR A 382 -17.27 -0.19 0.92
N THR A 383 -17.69 -1.18 0.13
CA THR A 383 -19.13 -1.44 0.01
C THR A 383 -19.73 -1.91 1.36
N HIS A 384 -18.91 -2.36 2.29
CA HIS A 384 -19.42 -2.76 3.60
C HIS A 384 -18.97 -1.84 4.73
N GLN A 385 -18.13 -0.85 4.41
CA GLN A 385 -17.79 0.12 5.42
C GLN A 385 -17.97 1.52 4.89
N ASP A 386 -19.24 1.90 4.87
CA ASP A 386 -19.76 3.26 4.64
C ASP A 386 -18.98 4.36 5.37
N GLU A 387 -18.65 4.14 6.63
CA GLU A 387 -18.06 5.20 7.44
C GLU A 387 -16.56 5.29 7.22
N ILE A 388 -16.10 6.41 6.68
CA ILE A 388 -14.66 6.65 6.54
C ILE A 388 -13.88 6.39 7.84
N TYR A 389 -14.43 6.78 8.98
CA TYR A 389 -13.71 6.59 10.24
C TYR A 389 -13.58 5.10 10.62
N GLU A 390 -14.26 4.22 9.88
CA GLU A 390 -14.14 2.78 10.11
C GLU A 390 -13.28 2.08 9.05
N GLN A 391 -12.88 2.81 8.01
CA GLN A 391 -12.09 2.20 6.96
C GLN A 391 -10.61 2.08 7.39
N VAL A 392 -9.94 1.02 6.94
CA VAL A 392 -8.58 0.70 7.40
C VAL A 392 -7.53 0.76 6.29
N HIS A 393 -6.43 1.48 6.51
CA HIS A 393 -5.22 1.32 5.69
C HIS A 393 -4.38 0.26 6.41
N SER A 394 -3.87 -0.74 5.68
CA SER A 394 -2.89 -1.66 6.25
C SER A 394 -2.29 -2.51 5.15
N LYS A 395 -1.33 -3.36 5.51
CA LYS A 395 -0.72 -4.30 4.57
C LYS A 395 -1.73 -5.35 4.12
N GLY A 396 -2.61 -5.74 5.04
CA GLY A 396 -3.50 -6.85 4.79
C GLY A 396 -4.77 -6.76 5.62
N LEU A 397 -5.84 -7.30 5.07
CA LEU A 397 -7.14 -7.23 5.71
C LEU A 397 -7.95 -8.47 5.35
N TYR A 398 -8.73 -8.98 6.29
CA TYR A 398 -9.80 -9.91 5.92
C TYR A 398 -11.15 -9.23 6.19
N VAL A 399 -12.00 -9.18 5.18
CA VAL A 399 -13.33 -8.61 5.35
C VAL A 399 -14.41 -9.70 5.31
N PRO A 400 -14.99 -10.04 6.48
CA PRO A 400 -15.96 -11.13 6.56
C PRO A 400 -17.21 -10.90 5.71
N GLU A 401 -17.67 -9.66 5.60
CA GLU A 401 -18.89 -9.37 4.84
C GLU A 401 -18.72 -9.70 3.37
N SER A 402 -17.49 -9.71 2.88
CA SER A 402 -17.29 -9.97 1.46
C SER A 402 -16.45 -11.22 1.30
N ARG A 403 -16.09 -11.82 2.43
CA ARG A 403 -15.27 -13.02 2.47
C ARG A 403 -14.00 -12.89 1.62
N SER A 404 -13.27 -11.79 1.82
CA SER A 404 -12.14 -11.50 0.99
C SER A 404 -10.90 -11.17 1.79
N ILE A 405 -9.77 -11.59 1.24
CA ILE A 405 -8.46 -11.19 1.73
C ILE A 405 -7.88 -10.08 0.83
N LEU A 406 -7.37 -9.01 1.43
CA LEU A 406 -6.82 -7.91 0.65
C LEU A 406 -5.36 -7.81 1.00
N LEU A 407 -4.50 -7.74 0.00
CA LEU A 407 -3.08 -7.59 0.29
C LEU A 407 -2.48 -6.44 -0.52
N HIS A 408 -2.02 -5.43 0.21
CA HIS A 408 -1.41 -4.25 -0.35
C HIS A 408 0.11 -4.40 -0.52
N GLY A 409 0.53 -4.64 -1.76
CA GLY A 409 1.93 -4.83 -2.11
C GLY A 409 2.99 -3.82 -1.63
N PRO A 410 2.80 -2.52 -1.94
CA PRO A 410 3.81 -1.47 -1.75
C PRO A 410 4.24 -1.16 -0.32
N SER A 411 3.41 -1.48 0.67
CA SER A 411 3.73 -1.11 2.04
C SER A 411 4.40 -2.27 2.81
N LYS A 412 5.05 -1.93 3.91
CA LYS A 412 5.77 -2.97 4.65
C LYS A 412 5.14 -3.12 6.02
N GLY A 413 4.72 -4.35 6.32
CA GLY A 413 4.06 -4.65 7.57
C GLY A 413 5.03 -4.67 8.73
N VAL A 414 4.64 -4.04 9.83
CA VAL A 414 5.40 -4.11 11.07
C VAL A 414 5.52 -5.55 11.51
N GLU A 415 6.69 -5.99 11.98
CA GLU A 415 6.79 -7.31 12.59
C GLU A 415 6.68 -8.44 11.54
N LEU A 416 6.71 -8.07 10.25
CA LEU A 416 6.58 -9.07 9.18
C LEU A 416 7.89 -9.27 8.42
N ARG A 417 8.20 -10.53 8.10
CA ARG A 417 9.42 -10.86 7.38
C ARG A 417 9.22 -10.73 5.87
N ASN A 418 7.96 -10.78 5.42
CA ASN A 418 7.62 -10.75 4.00
C ASN A 418 6.12 -10.74 3.77
N ASP A 419 5.71 -10.67 2.50
CA ASP A 419 4.30 -10.59 2.16
C ASP A 419 3.57 -11.93 2.41
N SER A 420 4.28 -13.04 2.25
CA SER A 420 3.68 -14.35 2.50
C SER A 420 3.19 -14.49 3.94
N GLU A 421 3.93 -13.96 4.90
CA GLU A 421 3.56 -14.09 6.32
C GLU A 421 2.25 -13.35 6.52
N GLY A 422 2.18 -12.14 5.95
CA GLY A 422 0.99 -11.31 6.03
C GLY A 422 -0.24 -12.01 5.50
N PHE A 423 -0.09 -12.68 4.36
CA PHE A 423 -1.22 -13.41 3.77
C PHE A 423 -1.77 -14.51 4.68
N ILE A 424 -0.86 -15.24 5.32
CA ILE A 424 -1.22 -16.39 6.12
C ILE A 424 -1.97 -15.95 7.39
N HIS A 425 -1.62 -14.79 7.91
CA HIS A 425 -2.32 -14.22 9.06
C HIS A 425 -3.76 -13.87 8.63
N GLU A 426 -3.92 -13.31 7.44
CA GLU A 426 -5.25 -13.04 6.93
C GLU A 426 -6.02 -14.33 6.72
N PHE A 427 -5.33 -15.38 6.30
CA PHE A 427 -6.00 -16.65 6.06
C PHE A 427 -6.42 -17.19 7.44
N GLY A 428 -5.67 -16.81 8.47
CA GLY A 428 -6.06 -17.05 9.85
C GLY A 428 -7.40 -16.44 10.24
N HIS A 429 -7.66 -15.21 9.84
CA HIS A 429 -9.00 -14.65 10.09
C HIS A 429 -10.11 -15.44 9.39
N ALA A 430 -9.84 -15.89 8.18
CA ALA A 430 -10.82 -16.62 7.40
C ALA A 430 -11.10 -18.02 8.00
N VAL A 431 -10.05 -18.67 8.52
CA VAL A 431 -10.18 -19.91 9.27
C VAL A 431 -11.04 -19.74 10.52
N ASP A 432 -10.80 -18.64 11.25
CA ASP A 432 -11.60 -18.22 12.39
C ASP A 432 -13.10 -18.02 12.01
N ASP A 433 -13.35 -17.38 10.88
CA ASP A 433 -14.69 -17.17 10.33
C ASP A 433 -15.41 -18.51 10.07
N TYR A 434 -14.82 -19.36 9.23
CA TYR A 434 -15.40 -20.67 8.92
C TYR A 434 -15.63 -21.54 10.17
N ALA A 435 -14.71 -21.49 11.12
CA ALA A 435 -14.85 -22.29 12.34
C ALA A 435 -16.11 -21.85 13.09
N GLY A 436 -16.31 -20.54 13.19
CA GLY A 436 -17.45 -20.03 13.91
C GLY A 436 -18.75 -20.35 13.20
N TYR A 437 -18.70 -20.40 11.87
CA TYR A 437 -19.86 -20.75 11.08
C TYR A 437 -20.24 -22.23 11.26
N LEU A 438 -19.24 -23.12 11.32
CA LEU A 438 -19.50 -24.54 11.44
C LEU A 438 -20.13 -24.85 12.80
N LEU A 439 -19.66 -24.12 13.81
CA LEU A 439 -20.16 -24.22 15.18
C LEU A 439 -21.65 -23.87 15.29
N ASP A 440 -22.18 -23.09 14.33
CA ASP A 440 -23.49 -22.46 14.47
C ASP A 440 -23.88 -21.78 13.15
N LYS A 441 -24.52 -22.54 12.26
CA LYS A 441 -24.67 -22.14 10.86
C LYS A 441 -25.72 -21.06 10.57
N ASN A 442 -26.61 -20.79 11.52
CA ASN A 442 -27.59 -19.71 11.32
C ASN A 442 -27.11 -18.40 11.95
N GLN A 443 -26.62 -18.51 13.18
CA GLN A 443 -26.02 -17.39 13.88
C GLN A 443 -24.53 -17.31 13.62
N SER A 444 -24.16 -17.02 12.37
CA SER A 444 -22.76 -17.10 11.96
C SER A 444 -21.91 -16.04 12.64
N ASP A 445 -21.14 -16.48 13.63
CA ASP A 445 -20.24 -15.60 14.37
C ASP A 445 -18.82 -16.14 14.27
N LEU A 446 -17.85 -15.35 14.74
CA LEU A 446 -16.44 -15.74 14.76
C LEU A 446 -16.15 -16.66 15.95
N VAL A 447 -15.44 -17.77 15.69
CA VAL A 447 -15.12 -18.72 16.75
C VAL A 447 -14.30 -18.08 17.88
N THR A 448 -13.62 -16.96 17.62
CA THR A 448 -12.90 -16.27 18.68
C THR A 448 -13.85 -15.51 19.60
N ASN A 449 -15.09 -15.35 19.17
CA ASN A 449 -16.11 -14.74 20.01
C ASN A 449 -16.80 -15.78 20.91
N SER A 450 -16.25 -16.99 20.93
CA SER A 450 -16.80 -18.08 21.74
C SER A 450 -16.38 -18.05 23.22
N LYS A 451 -17.25 -18.62 24.06
CA LYS A 451 -17.05 -18.76 25.51
C LYS A 451 -15.63 -19.15 25.82
N LYS A 452 -15.25 -20.29 25.28
CA LYS A 452 -13.92 -20.83 25.52
C LYS A 452 -12.86 -19.80 25.15
N PHE A 453 -12.72 -19.46 23.88
CA PHE A 453 -11.55 -18.72 23.44
C PHE A 453 -11.33 -17.39 24.16
N ILE A 454 -12.42 -16.76 24.61
CA ILE A 454 -12.27 -15.52 25.36
C ILE A 454 -11.45 -15.75 26.65
N ASP A 455 -11.75 -16.83 27.35
CA ASP A 455 -10.99 -17.16 28.56
C ASP A 455 -9.53 -17.41 28.24
N ILE A 456 -9.28 -18.25 27.24
CA ILE A 456 -7.92 -18.49 26.79
C ILE A 456 -7.18 -17.18 26.52
N PHE A 457 -7.83 -16.25 25.82
CA PHE A 457 -7.19 -14.98 25.50
C PHE A 457 -6.91 -14.16 26.76
N LYS A 458 -7.79 -14.29 27.75
CA LYS A 458 -7.67 -13.47 28.95
C LYS A 458 -6.45 -13.84 29.78
N GLU A 459 -5.92 -15.05 29.51
CA GLU A 459 -4.73 -15.56 30.19
C GLU A 459 -3.46 -15.60 29.31
N GLU A 460 -3.57 -16.13 28.10
CA GLU A 460 -2.40 -16.27 27.23
C GLU A 460 -2.21 -15.10 26.24
N GLY A 461 -3.17 -14.18 26.22
CA GLY A 461 -3.17 -13.08 25.27
C GLY A 461 -1.92 -12.22 25.24
N SER A 462 -1.04 -12.36 26.23
CA SER A 462 0.16 -11.51 26.26
C SER A 462 1.45 -12.25 25.96
N ASN A 463 1.36 -13.54 25.71
CA ASN A 463 2.58 -14.34 25.62
C ASN A 463 3.25 -14.29 24.26
N LEU A 464 2.47 -14.18 23.18
CA LEU A 464 3.04 -14.17 21.83
C LEU A 464 3.40 -12.75 21.37
N THR A 465 3.17 -12.43 20.09
CA THR A 465 3.62 -11.15 19.52
C THR A 465 2.97 -9.93 20.16
N SER A 466 3.66 -8.79 20.13
CA SER A 466 3.11 -7.58 20.75
C SER A 466 1.73 -7.25 20.16
N TYR A 467 1.57 -7.43 18.85
CA TYR A 467 0.29 -7.14 18.20
C TYR A 467 -0.82 -8.16 18.56
N GLY A 468 -0.42 -9.35 19.02
CA GLY A 468 -1.38 -10.35 19.47
C GLY A 468 -2.18 -9.93 20.69
N ARG A 469 -1.73 -8.88 21.39
CA ARG A 469 -2.38 -8.43 22.62
C ARG A 469 -3.61 -7.53 22.37
N THR A 470 -3.88 -7.22 21.10
CA THR A 470 -4.95 -6.28 20.75
C THR A 470 -6.33 -6.84 21.07
N ASN A 471 -6.67 -8.02 20.58
CA ASN A 471 -7.96 -8.63 20.88
C ASN A 471 -7.99 -10.06 20.44
N GLU A 472 -9.11 -10.74 20.70
CA GLU A 472 -9.23 -12.18 20.43
C GLU A 472 -8.97 -12.51 18.98
N ALA A 473 -9.47 -11.67 18.08
CA ALA A 473 -9.33 -11.94 16.66
C ALA A 473 -7.86 -11.92 16.24
N GLU A 474 -7.14 -10.91 16.71
CA GLU A 474 -5.75 -10.72 16.32
C GLU A 474 -4.85 -11.76 16.98
N PHE A 475 -5.13 -12.07 18.24
CA PHE A 475 -4.41 -13.11 18.97
C PHE A 475 -4.45 -14.42 18.21
N PHE A 476 -5.66 -14.84 17.84
CA PHE A 476 -5.86 -16.04 17.05
C PHE A 476 -5.05 -16.00 15.75
N ALA A 477 -5.10 -14.86 15.07
CA ALA A 477 -4.52 -14.72 13.74
C ALA A 477 -3.00 -14.81 13.79
N GLU A 478 -2.41 -14.15 14.78
CA GLU A 478 -0.96 -14.23 14.97
C GLU A 478 -0.51 -15.67 15.31
N ALA A 479 -1.15 -16.27 16.32
CA ALA A 479 -0.86 -17.65 16.71
C ALA A 479 -0.94 -18.56 15.50
N PHE A 480 -1.97 -18.39 14.69
CA PHE A 480 -2.08 -19.18 13.47
C PHE A 480 -0.92 -18.92 12.51
N ARG A 481 -0.46 -17.67 12.47
CA ARG A 481 0.63 -17.34 11.55
C ARG A 481 1.92 -18.00 12.02
N LEU A 482 2.23 -17.83 13.30
CA LEU A 482 3.43 -18.40 13.90
C LEU A 482 3.44 -19.95 13.80
N MET A 483 2.27 -20.57 13.92
CA MET A 483 2.18 -22.04 13.85
C MET A 483 2.49 -22.59 12.46
N HIS A 484 2.43 -21.73 11.44
CA HIS A 484 2.72 -22.16 10.09
C HIS A 484 3.93 -21.45 9.48
N SER A 485 4.81 -20.90 10.34
CA SER A 485 6.07 -20.28 9.92
C SER A 485 7.02 -21.29 9.22
N THR A 486 7.89 -20.82 8.33
CA THR A 486 8.86 -21.70 7.67
C THR A 486 9.99 -22.03 8.65
N ASP A 487 10.22 -21.08 9.57
CA ASP A 487 11.18 -21.25 10.65
C ASP A 487 10.61 -22.20 11.71
N HIS A 488 11.33 -23.29 11.97
CA HIS A 488 10.90 -24.30 12.94
C HIS A 488 10.75 -23.77 14.37
N ALA A 489 11.65 -22.90 14.77
CA ALA A 489 11.67 -22.45 16.15
C ALA A 489 10.37 -21.74 16.47
N GLU A 490 9.83 -21.03 15.48
CA GLU A 490 8.63 -20.22 15.67
C GLU A 490 7.42 -21.06 16.03
N ARG A 491 7.25 -22.18 15.33
CA ARG A 491 6.14 -23.11 15.58
C ARG A 491 6.09 -23.62 17.03
N LEU A 492 7.28 -23.89 17.60
CA LEU A 492 7.39 -24.46 18.95
C LEU A 492 7.22 -23.45 20.08
N LYS A 493 7.65 -22.20 19.86
CA LYS A 493 7.48 -21.14 20.86
C LYS A 493 6.00 -20.93 21.17
N VAL A 494 5.14 -21.24 20.20
CA VAL A 494 3.71 -21.13 20.42
C VAL A 494 3.23 -22.25 21.34
N GLN A 495 3.58 -23.48 20.97
CA GLN A 495 3.31 -24.66 21.78
C GLN A 495 3.77 -24.51 23.25
N LYS A 496 4.88 -23.80 23.47
CA LYS A 496 5.43 -23.66 24.81
C LYS A 496 4.93 -22.40 25.55
N ASN A 497 4.84 -21.25 24.87
CA ASN A 497 4.41 -20.01 25.55
C ASN A 497 2.90 -19.82 25.60
N ALA A 498 2.17 -20.64 24.85
CA ALA A 498 0.70 -20.53 24.82
C ALA A 498 0.05 -21.85 24.42
N PRO A 499 0.12 -22.83 25.32
CA PRO A 499 -0.32 -24.22 25.11
C PRO A 499 -1.81 -24.37 24.78
N LYS A 500 -2.67 -23.64 25.47
CA LYS A 500 -4.11 -23.76 25.25
C LYS A 500 -4.52 -23.24 23.86
N THR A 501 -3.88 -22.16 23.41
CA THR A 501 -4.17 -21.60 22.10
C THR A 501 -3.73 -22.58 21.01
N PHE A 502 -2.52 -23.10 21.15
CA PHE A 502 -1.98 -24.12 20.26
C PHE A 502 -2.99 -25.27 20.09
N GLN A 503 -3.40 -25.81 21.23
CA GLN A 503 -4.43 -26.82 21.34
C GLN A 503 -5.72 -26.42 20.62
N PHE A 504 -6.29 -25.29 21.03
CA PHE A 504 -7.54 -24.74 20.45
C PHE A 504 -7.51 -24.59 18.92
N ILE A 505 -6.40 -24.10 18.36
CA ILE A 505 -6.35 -23.89 16.92
C ILE A 505 -6.32 -25.21 16.18
N ASN A 506 -5.42 -26.11 16.59
CA ASN A 506 -5.31 -27.44 16.01
C ASN A 506 -6.63 -28.20 16.07
N ASP A 507 -7.38 -27.95 17.14
CA ASP A 507 -8.75 -28.43 17.27
C ASP A 507 -9.66 -27.94 16.13
N GLN A 508 -9.71 -26.61 15.95
CA GLN A 508 -10.54 -26.03 14.89
C GLN A 508 -10.15 -26.57 13.52
N ILE A 509 -8.85 -26.77 13.32
CA ILE A 509 -8.36 -27.27 12.03
C ILE A 509 -8.90 -28.68 11.78
N LYS A 510 -8.87 -29.49 12.85
CA LYS A 510 -9.46 -30.82 12.81
C LYS A 510 -10.94 -30.71 12.52
N PHE A 511 -11.65 -29.91 13.32
CA PHE A 511 -13.09 -29.70 13.15
C PHE A 511 -13.45 -29.28 11.72
N ILE A 512 -12.62 -28.43 11.09
CA ILE A 512 -12.91 -27.97 9.73
C ILE A 512 -12.67 -29.07 8.70
N ILE A 513 -11.51 -29.74 8.80
CA ILE A 513 -11.17 -30.80 7.84
C ILE A 513 -12.19 -31.93 7.96
N ASN A 514 -12.63 -32.19 9.20
CA ASN A 514 -13.64 -33.21 9.48
C ASN A 514 -15.12 -32.84 9.15
N SER A 515 -15.32 -31.67 8.53
CA SER A 515 -16.59 -31.27 7.86
C SER A 515 -16.65 -31.80 6.42
N LEU A 516 -17.82 -32.14 5.91
CA LEU A 516 -17.83 -32.91 4.66
C LEU A 516 -18.88 -32.53 3.61
N VAL A 517 -19.38 -33.60 2.97
CA VAL A 517 -20.50 -33.59 2.02
C VAL A 517 -21.65 -32.69 2.47
C1 30R B . -3.83 -5.35 9.73
C2 30R B . -4.48 -6.67 10.14
C3 30R B . 1.84 -1.38 13.81
O3 30R B . -4.67 -7.16 11.51
N4 30R B . -4.96 -7.50 9.18
N5 30R B . 2.52 -2.19 14.86
C10 30R B . -0.45 -6.67 9.55
C11 30R B . 0.44 -6.64 10.63
C12 30R B . 1.03 -7.81 11.09
C13 30R B . 0.72 -9.01 10.47
C14 30R B . -0.18 -9.06 9.41
C15 30R B . -0.77 -7.89 8.93
C17 30R B . 1.99 -7.78 12.25
C18 30R B . -2.30 -4.75 11.46
C19 30R B . -1.24 -3.81 12.01
C20 30R B . -1.12 -2.48 11.63
C21 30R B . -0.12 -1.68 12.21
C22 30R B . 0.75 -2.22 13.16
C23 30R B . 0.62 -3.55 13.55
C24 30R B . -0.37 -4.34 12.99
C28 30R B . -4.72 -4.26 10.34
N6 30R B . -2.39 -5.11 10.05
O5 30R B . -5.64 -8.62 9.54
S7 30R B . -1.15 -5.31 9.07
O8 30R B . -0.13 -4.26 9.07
O9 30R B . -1.58 -5.42 7.69
F16 30R B . 1.31 -10.13 10.92
ZN ZN C . -5.56 -9.05 11.58
#